data_3ZWE
#
_entry.id   3ZWE
#
_cell.length_a   47.980
_cell.length_b   49.140
_cell.length_c   102.710
_cell.angle_alpha   90.00
_cell.angle_beta   90.00
_cell.angle_gamma   90.00
#
_symmetry.space_group_name_H-M   'P 21 21 21'
#
loop_
_entity.id
_entity.type
_entity.pdbx_description
1 polymer 'BAMBL LECTIN'
2 branched alpha-L-fucopyranose-(1-2)-beta-D-galactopyranose
3 branched alpha-L-fucopyranose-(1-2)-[alpha-D-galactopyranose-(1-3)]beta-D-galactopyranose-(1-4)-beta-D-glucopyranose
4 non-polymer alpha-L-fucopyranose
5 water water
#
_entity_poly.entity_id   1
_entity_poly.type   'polypeptide(L)'
_entity_poly.pdbx_seq_one_letter_code
;MQTAAISWGTTPSIRVYTANGNKITERCYDGSNWYTGAFNQAGDNVSATCWLSGSAVHIRVYATSGGSTTEWCWDGDGWT
RGAYTGL
;
_entity_poly.pdbx_strand_id   A,B,C
#
# COMPACT_ATOMS: atom_id res chain seq x y z
N MET A 1 -9.89 -7.05 11.10
CA MET A 1 -9.67 -7.63 9.77
C MET A 1 -9.11 -6.55 8.86
N GLN A 2 -7.93 -6.79 8.30
CA GLN A 2 -7.15 -5.74 7.66
C GLN A 2 -6.54 -6.31 6.39
N THR A 3 -6.54 -5.51 5.33
CA THR A 3 -6.02 -5.97 4.01
C THR A 3 -4.81 -5.15 3.51
N ALA A 4 -4.01 -5.78 2.64
CA ALA A 4 -3.01 -5.10 1.81
C ALA A 4 -3.26 -5.57 0.39
N ALA A 5 -2.97 -4.71 -0.58
CA ALA A 5 -3.27 -5.01 -1.96
C ALA A 5 -2.09 -4.58 -2.85
N ILE A 6 -1.71 -5.48 -3.75
CA ILE A 6 -0.66 -5.22 -4.74
C ILE A 6 -1.10 -5.69 -6.11
N SER A 7 -0.43 -5.20 -7.15
CA SER A 7 -0.77 -5.56 -8.52
C SER A 7 0.45 -5.38 -9.44
N TRP A 8 0.51 -6.15 -10.53
CA TRP A 8 1.58 -5.97 -11.56
C TRP A 8 1.12 -6.44 -12.92
N GLY A 9 1.77 -5.94 -13.98
CA GLY A 9 1.66 -6.52 -15.34
C GLY A 9 0.52 -5.88 -16.15
N THR A 10 0.28 -6.36 -17.36
CA THR A 10 -0.74 -5.71 -18.20
C THR A 10 -2.12 -6.25 -17.94
N THR A 11 -2.17 -7.41 -17.30
CA THR A 11 -3.44 -8.13 -17.11
C THR A 11 -4.48 -7.36 -16.32
N PRO A 12 -4.19 -7.01 -15.06
CA PRO A 12 -3.04 -7.21 -14.23
C PRO A 12 -3.22 -8.45 -13.38
N SER A 13 -2.17 -8.84 -12.67
CA SER A 13 -2.32 -9.74 -11.55
C SER A 13 -2.54 -8.89 -10.32
N ILE A 14 -3.37 -9.40 -9.43
CA ILE A 14 -3.64 -8.71 -8.17
C ILE A 14 -3.49 -9.67 -7.05
N ARG A 15 -2.93 -9.18 -5.94
CA ARG A 15 -2.89 -9.99 -4.70
C ARG A 15 -3.45 -9.18 -3.57
N VAL A 16 -4.31 -9.82 -2.78
CA VAL A 16 -4.90 -9.18 -1.62
C VAL A 16 -4.65 -10.10 -0.43
N TYR A 17 -3.99 -9.56 0.59
CA TYR A 17 -3.59 -10.27 1.78
C TYR A 17 -4.52 -9.79 2.86
N THR A 18 -5.07 -10.72 3.63
CA THR A 18 -5.95 -10.37 4.74
C THR A 18 -5.40 -10.94 6.04
N ALA A 19 -5.25 -10.08 7.05
CA ALA A 19 -5.01 -10.53 8.41
C ALA A 19 -6.37 -10.56 9.08
N ASN A 20 -6.72 -11.74 9.60
CA ASN A 20 -7.97 -12.01 10.29
C ASN A 20 -7.63 -13.00 11.42
N GLY A 21 -7.74 -12.56 12.69
CA GLY A 21 -7.54 -13.45 13.84
C GLY A 21 -6.18 -14.13 13.85
N ASN A 22 -5.14 -13.29 13.79
CA ASN A 22 -3.73 -13.67 13.81
C ASN A 22 -3.17 -14.54 12.68
N LYS A 23 -3.99 -14.82 11.65
CA LYS A 23 -3.49 -15.43 10.42
C LYS A 23 -3.62 -14.47 9.22
N ILE A 24 -2.60 -14.46 8.36
CA ILE A 24 -2.62 -13.75 7.07
C ILE A 24 -2.77 -14.73 5.92
N THR A 25 -3.79 -14.51 5.10
CA THR A 25 -4.01 -15.37 3.95
C THR A 25 -4.02 -14.49 2.69
N GLU A 26 -4.19 -15.11 1.53
CA GLU A 26 -3.97 -14.42 0.27
C GLU A 26 -5.03 -14.87 -0.71
N ARG A 27 -5.64 -13.91 -1.41
CA ARG A 27 -6.49 -14.18 -2.56
C ARG A 27 -5.87 -13.59 -3.81
N CYS A 28 -6.01 -14.28 -4.95
CA CYS A 28 -5.22 -13.99 -6.15
C CYS A 28 -6.10 -13.84 -7.36
N TYR A 29 -5.78 -12.90 -8.24
CA TYR A 29 -6.43 -12.74 -9.52
C TYR A 29 -5.35 -12.60 -10.64
N ASP A 30 -5.49 -13.40 -11.72
CA ASP A 30 -4.51 -13.41 -12.85
C ASP A 30 -5.19 -13.20 -14.18
N GLY A 31 -6.45 -12.80 -14.13
CA GLY A 31 -7.13 -12.43 -15.35
C GLY A 31 -8.38 -13.26 -15.58
N SER A 32 -8.64 -14.19 -14.66
CA SER A 32 -9.89 -15.00 -14.69
C SER A 32 -10.50 -15.12 -13.28
N ASN A 33 -10.67 -16.32 -12.70
CA ASN A 33 -11.23 -16.43 -11.32
C ASN A 33 -10.28 -15.99 -10.20
N TRP A 34 -10.84 -15.44 -9.12
CA TRP A 34 -10.06 -15.35 -7.88
C TRP A 34 -9.78 -16.71 -7.31
N TYR A 35 -8.62 -16.89 -6.70
CA TYR A 35 -8.31 -18.16 -6.02
C TYR A 35 -7.53 -17.93 -4.75
N THR A 36 -7.40 -18.97 -3.93
CA THR A 36 -6.64 -18.81 -2.71
C THR A 36 -5.19 -19.09 -3.04
N GLY A 37 -4.31 -18.24 -2.52
CA GLY A 37 -2.89 -18.35 -2.77
C GLY A 37 -2.15 -19.19 -1.76
N ALA A 38 -0.91 -19.49 -2.08
CA ALA A 38 -0.02 -20.28 -1.22
C ALA A 38 0.34 -19.63 0.10
N PHE A 39 0.19 -18.29 0.21
CA PHE A 39 0.62 -17.58 1.42
C PHE A 39 -0.24 -17.90 2.66
N ASN A 40 0.42 -18.28 3.74
CA ASN A 40 -0.21 -18.57 5.02
C ASN A 40 0.82 -18.35 6.07
N GLN A 41 0.71 -17.27 6.82
CA GLN A 41 1.68 -16.99 7.90
C GLN A 41 0.97 -16.23 9.00
N ALA A 42 1.63 -16.11 10.15
CA ALA A 42 1.02 -15.48 11.31
C ALA A 42 1.16 -13.95 11.35
N GLY A 43 0.06 -13.30 11.72
CA GLY A 43 0.06 -11.87 11.91
C GLY A 43 -1.33 -11.30 12.10
N ASP A 44 -1.38 -10.18 12.81
CA ASP A 44 -2.60 -9.37 12.94
C ASP A 44 -2.60 -8.19 11.96
N ASN A 45 -1.42 -7.88 11.39
CA ASN A 45 -1.23 -6.74 10.47
C ASN A 45 -0.36 -7.15 9.27
N VAL A 46 -0.74 -6.72 8.08
CA VAL A 46 0.00 -7.05 6.85
C VAL A 46 0.20 -5.82 5.95
N SER A 47 1.43 -5.63 5.46
CA SER A 47 1.63 -4.74 4.30
C SER A 47 2.44 -5.54 3.26
N ALA A 48 2.38 -5.11 2.01
CA ALA A 48 3.09 -5.81 0.93
C ALA A 48 3.50 -4.85 -0.17
N THR A 49 4.49 -5.28 -0.95
CA THR A 49 4.97 -4.56 -2.10
C THR A 49 5.54 -5.59 -3.09
N CYS A 50 5.64 -5.20 -4.36
CA CYS A 50 6.16 -6.10 -5.41
C CYS A 50 6.86 -5.36 -6.55
N TRP A 51 7.64 -6.08 -7.33
CA TRP A 51 8.33 -5.49 -8.49
C TRP A 51 8.58 -6.60 -9.50
N LEU A 52 8.85 -6.20 -10.73
CA LEU A 52 9.32 -7.12 -11.75
C LEU A 52 10.80 -6.92 -12.05
N SER A 53 11.38 -7.99 -12.58
CA SER A 53 12.77 -8.04 -13.02
C SER A 53 12.82 -9.16 -14.03
N GLY A 54 13.47 -8.90 -15.17
CA GLY A 54 13.51 -9.86 -16.29
C GLY A 54 12.25 -10.70 -16.51
N SER A 55 11.10 -10.03 -16.58
CA SER A 55 9.80 -10.73 -16.75
C SER A 55 9.33 -11.62 -15.55
N ALA A 56 10.11 -11.74 -14.46
CA ALA A 56 9.64 -12.45 -13.22
C ALA A 56 9.15 -11.49 -12.10
N VAL A 57 8.22 -11.96 -11.27
CA VAL A 57 7.61 -11.10 -10.22
C VAL A 57 8.16 -11.47 -8.86
N HIS A 58 8.42 -10.45 -8.03
CA HIS A 58 8.94 -10.67 -6.70
C HIS A 58 8.01 -9.92 -5.74
N ILE A 59 7.72 -10.55 -4.58
CA ILE A 59 6.78 -10.00 -3.60
C ILE A 59 7.39 -10.06 -2.25
N ARG A 60 7.27 -8.97 -1.50
CA ARG A 60 7.66 -8.96 -0.11
C ARG A 60 6.43 -8.61 0.71
N VAL A 61 6.07 -9.52 1.63
CA VAL A 61 4.91 -9.34 2.51
C VAL A 61 5.48 -9.10 3.92
N TYR A 62 4.98 -8.08 4.63
CA TYR A 62 5.47 -7.74 5.98
C TYR A 62 4.37 -8.00 7.02
N ALA A 63 4.59 -9.08 7.77
CA ALA A 63 3.63 -9.63 8.72
C ALA A 63 4.01 -9.25 10.16
N THR A 64 3.12 -8.53 10.84
CA THR A 64 3.38 -8.08 12.20
C THR A 64 2.52 -8.84 13.19
N SER A 65 3.16 -9.28 14.28
CA SER A 65 2.60 -10.24 15.25
C SER A 65 2.78 -9.71 16.68
N GLY A 66 2.26 -8.50 16.94
CA GLY A 66 2.38 -7.88 18.25
C GLY A 66 3.42 -6.77 18.33
N GLY A 67 4.68 -7.16 18.48
CA GLY A 67 5.79 -6.22 18.46
C GLY A 67 6.82 -6.58 17.40
N SER A 68 6.47 -7.48 16.48
CA SER A 68 7.48 -7.97 15.56
C SER A 68 7.08 -8.26 14.12
N THR A 69 7.84 -7.64 13.21
CA THR A 69 7.58 -7.69 11.76
C THR A 69 8.47 -8.71 11.08
N THR A 70 7.86 -9.58 10.31
CA THR A 70 8.56 -10.62 9.61
C THR A 70 8.30 -10.53 8.10
N GLU A 71 9.39 -10.54 7.35
CA GLU A 71 9.33 -10.45 5.89
C GLU A 71 9.21 -11.82 5.26
N TRP A 72 8.28 -11.94 4.32
CA TRP A 72 8.14 -13.16 3.54
C TRP A 72 8.35 -12.83 2.09
N CYS A 73 9.13 -13.69 1.42
CA CYS A 73 9.60 -13.45 0.06
C CYS A 73 9.06 -14.46 -0.88
N TRP A 74 8.52 -13.97 -1.97
CA TRP A 74 8.18 -14.80 -3.07
C TRP A 74 9.09 -14.36 -4.19
N ASP A 75 9.79 -15.33 -4.80
CA ASP A 75 10.72 -15.07 -5.89
C ASP A 75 10.56 -16.16 -6.96
N GLY A 76 9.38 -16.76 -6.99
CA GLY A 76 9.02 -17.73 -8.01
C GLY A 76 9.06 -19.20 -7.60
N ASP A 77 9.57 -19.52 -6.41
CA ASP A 77 9.57 -20.90 -5.90
C ASP A 77 9.37 -20.94 -4.39
N GLY A 78 8.17 -20.59 -3.94
CA GLY A 78 7.84 -20.70 -2.53
C GLY A 78 8.10 -19.45 -1.72
N TRP A 79 7.41 -19.36 -0.58
CA TRP A 79 7.60 -18.27 0.35
C TRP A 79 8.76 -18.58 1.28
N THR A 80 9.80 -17.77 1.23
CA THR A 80 10.92 -17.91 2.15
C THR A 80 11.00 -16.72 3.10
N ARG A 81 11.67 -16.93 4.23
CA ARG A 81 11.88 -15.86 5.18
C ARG A 81 12.99 -14.90 4.68
N GLY A 82 12.78 -13.61 4.90
CA GLY A 82 13.73 -12.59 4.48
C GLY A 82 14.46 -11.98 5.65
N ALA A 83 15.47 -11.18 5.33
CA ALA A 83 16.39 -10.63 6.32
C ALA A 83 15.85 -9.45 7.11
N TYR A 84 14.67 -8.93 6.75
CA TYR A 84 14.15 -7.74 7.45
C TYR A 84 14.24 -7.83 8.96
N THR A 85 14.72 -6.74 9.56
CA THR A 85 14.68 -6.57 11.01
C THR A 85 14.21 -5.17 11.32
N GLY A 86 13.43 -5.06 12.39
CA GLY A 86 12.93 -3.77 12.84
C GLY A 86 14.01 -2.87 13.40
N LEU A 87 13.57 -1.83 14.09
CA LEU A 87 14.44 -0.92 14.83
C LEU A 87 15.17 -1.65 15.97
N MET B 1 1.06 -1.88 16.47
CA MET B 1 2.19 -1.84 15.50
C MET B 1 1.66 -2.13 14.12
N GLN B 2 1.98 -1.23 13.19
CA GLN B 2 1.35 -1.20 11.89
C GLN B 2 2.37 -0.74 10.85
N THR B 3 2.41 -1.42 9.69
CA THR B 3 3.42 -1.07 8.67
C THR B 3 2.86 -0.66 7.31
N ALA B 4 3.69 0.06 6.54
CA ALA B 4 3.47 0.35 5.13
C ALA B 4 4.75 -0.02 4.38
N ALA B 5 4.62 -0.50 3.14
CA ALA B 5 5.78 -0.91 2.37
C ALA B 5 5.72 -0.38 0.95
N ILE B 6 6.88 0.05 0.44
CA ILE B 6 7.00 0.47 -0.94
C ILE B 6 8.32 -0.06 -1.50
N SER B 7 8.43 -0.04 -2.83
CA SER B 7 9.68 -0.44 -3.47
C SER B 7 9.81 0.21 -4.83
N TRP B 8 11.04 0.25 -5.35
CA TRP B 8 11.29 0.77 -6.69
C TRP B 8 12.63 0.23 -7.25
N GLY B 9 12.78 0.40 -8.56
CA GLY B 9 13.94 -0.08 -9.29
C GLY B 9 13.97 -1.60 -9.42
N THR B 10 15.12 -2.12 -9.88
CA THR B 10 15.26 -3.56 -10.03
C THR B 10 16.15 -4.22 -9.00
N THR B 11 16.87 -3.43 -8.21
CA THR B 11 17.73 -4.01 -7.17
C THR B 11 16.94 -4.98 -6.25
N PRO B 12 15.83 -4.51 -5.63
CA PRO B 12 15.24 -3.18 -5.66
C PRO B 12 15.59 -2.43 -4.38
N SER B 13 15.14 -1.19 -4.28
CA SER B 13 15.12 -0.53 -2.97
C SER B 13 13.75 -0.79 -2.33
N ILE B 14 13.73 -0.94 -1.00
CA ILE B 14 12.47 -1.12 -0.30
C ILE B 14 12.47 -0.15 0.86
N ARG B 15 11.31 0.42 1.19
CA ARG B 15 11.14 1.15 2.44
C ARG B 15 9.92 0.61 3.15
N VAL B 16 10.10 0.40 4.46
CA VAL B 16 9.05 -0.15 5.31
C VAL B 16 8.89 0.89 6.41
N TYR B 17 7.68 1.41 6.51
CA TYR B 17 7.37 2.42 7.55
C TYR B 17 6.57 1.74 8.65
N THR B 18 6.87 2.13 9.89
CA THR B 18 6.28 1.47 11.05
C THR B 18 5.70 2.49 11.99
N ALA B 19 4.40 2.37 12.22
CA ALA B 19 3.71 3.09 13.27
C ALA B 19 3.63 2.17 14.49
N ASN B 20 4.13 2.66 15.60
CA ASN B 20 4.20 1.96 16.90
C ASN B 20 4.31 3.04 17.97
N GLY B 21 3.31 3.11 18.87
CA GLY B 21 3.29 4.08 19.96
C GLY B 21 3.43 5.54 19.53
N ASN B 22 2.55 5.96 18.61
CA ASN B 22 2.53 7.30 18.00
C ASN B 22 3.78 7.87 17.32
N LYS B 23 4.81 7.04 17.08
CA LYS B 23 5.97 7.45 16.28
C LYS B 23 6.09 6.59 15.03
N ILE B 24 6.41 7.24 13.90
CA ILE B 24 6.66 6.52 12.64
C ILE B 24 8.14 6.57 12.31
N THR B 25 8.70 5.38 12.11
CA THR B 25 10.10 5.26 11.71
C THR B 25 10.21 4.45 10.43
N GLU B 26 11.39 4.48 9.84
CA GLU B 26 11.60 3.94 8.50
C GLU B 26 12.80 3.01 8.49
N ARG B 27 12.59 1.82 7.95
CA ARG B 27 13.69 0.90 7.68
C ARG B 27 13.89 0.69 6.16
N CYS B 28 15.15 0.68 5.74
CA CYS B 28 15.52 0.78 4.33
C CYS B 28 16.38 -0.37 3.83
N TYR B 29 16.18 -0.70 2.55
CA TYR B 29 16.95 -1.71 1.86
C TYR B 29 17.27 -1.18 0.46
N ASP B 30 18.56 -1.26 0.09
CA ASP B 30 18.99 -0.82 -1.22
C ASP B 30 19.94 -1.87 -1.83
N GLY B 31 19.82 -3.12 -1.39
CA GLY B 31 20.55 -4.21 -2.00
C GLY B 31 21.59 -4.86 -1.10
N SER B 32 21.81 -4.30 0.09
CA SER B 32 22.81 -4.86 1.01
C SER B 32 22.18 -5.12 2.38
N ASN B 33 22.38 -4.20 3.33
CA ASN B 33 21.84 -4.35 4.68
C ASN B 33 20.54 -3.57 4.87
N TRP B 34 19.71 -4.02 5.81
CA TRP B 34 18.63 -3.14 6.31
C TRP B 34 19.20 -2.12 7.29
N TYR B 35 18.83 -0.88 7.09
CA TYR B 35 19.31 0.21 7.91
C TYR B 35 18.16 1.12 8.27
N THR B 36 18.44 2.10 9.14
CA THR B 36 17.42 3.04 9.60
C THR B 36 17.39 4.32 8.77
N GLY B 37 16.23 4.64 8.21
CA GLY B 37 16.09 5.84 7.41
C GLY B 37 16.03 7.13 8.21
N ALA B 38 16.06 8.24 7.49
CA ALA B 38 15.98 9.55 8.10
C ALA B 38 14.55 9.88 8.55
N PHE B 39 13.56 9.19 7.98
CA PHE B 39 12.16 9.48 8.33
C PHE B 39 11.83 9.18 9.80
N ASN B 40 11.44 10.22 10.50
CA ASN B 40 11.05 10.11 11.90
C ASN B 40 10.00 11.18 12.20
N GLN B 41 8.73 10.79 12.22
CA GLN B 41 7.62 11.71 12.57
C GLN B 41 6.54 11.05 13.41
N ALA B 42 5.61 11.89 13.90
CA ALA B 42 4.45 11.47 14.72
C ALA B 42 3.33 10.79 13.94
N GLY B 43 2.69 9.81 14.57
CA GLY B 43 1.47 9.22 14.03
C GLY B 43 1.30 7.78 14.47
N ASP B 44 0.06 7.32 14.50
CA ASP B 44 -0.22 5.95 14.90
C ASP B 44 -0.69 5.12 13.72
N ASN B 45 -0.79 5.74 12.54
CA ASN B 45 -1.11 4.99 11.35
C ASN B 45 -0.36 5.61 10.18
N VAL B 46 0.04 4.76 9.24
CA VAL B 46 0.87 5.20 8.11
C VAL B 46 0.49 4.47 6.83
N SER B 47 0.50 5.18 5.70
CA SER B 47 0.47 4.51 4.38
C SER B 47 1.51 5.26 3.55
N ALA B 48 1.87 4.73 2.40
CA ALA B 48 2.89 5.37 1.57
C ALA B 48 2.76 4.92 0.14
N THR B 49 3.24 5.75 -0.78
CA THR B 49 3.33 5.43 -2.21
C THR B 49 4.59 6.08 -2.75
N CYS B 50 5.08 5.63 -3.90
CA CYS B 50 6.30 6.22 -4.48
C CYS B 50 6.25 6.11 -5.98
N TRP B 51 7.09 6.90 -6.65
CA TRP B 51 7.22 6.84 -8.11
C TRP B 51 8.64 7.24 -8.47
N LEU B 52 9.09 6.80 -9.63
CA LEU B 52 10.39 7.25 -10.15
C LEU B 52 10.17 8.33 -11.19
N SER B 53 11.01 9.34 -11.15
CA SER B 53 11.00 10.32 -12.22
C SER B 53 12.35 10.12 -12.84
N GLY B 54 12.42 9.27 -13.86
CA GLY B 54 13.70 8.80 -14.36
C GLY B 54 14.34 7.90 -13.34
N SER B 55 15.54 8.29 -12.89
CA SER B 55 16.27 7.56 -11.85
CA SER B 55 16.29 7.58 -11.84
C SER B 55 16.00 8.11 -10.42
N ALA B 56 15.39 9.29 -10.32
CA ALA B 56 15.12 9.90 -9.01
C ALA B 56 13.84 9.31 -8.35
N VAL B 57 13.95 8.93 -7.08
CA VAL B 57 12.75 8.43 -6.37
C VAL B 57 11.98 9.55 -5.66
N HIS B 58 10.65 9.44 -5.70
CA HIS B 58 9.81 10.37 -4.94
C HIS B 58 8.87 9.54 -4.12
N ILE B 59 8.73 9.88 -2.83
CA ILE B 59 7.93 9.08 -1.89
C ILE B 59 6.96 10.01 -1.20
N ARG B 60 5.74 9.55 -0.95
CA ARG B 60 4.82 10.32 -0.13
C ARG B 60 4.38 9.39 1.01
N VAL B 61 4.47 9.90 2.23
CA VAL B 61 4.10 9.13 3.44
C VAL B 61 2.96 9.87 4.08
N TYR B 62 1.87 9.14 4.36
CA TYR B 62 0.67 9.71 4.99
C TYR B 62 0.61 9.23 6.43
N ALA B 63 0.85 10.18 7.34
CA ALA B 63 1.03 9.97 8.77
C ALA B 63 -0.19 10.49 9.53
N THR B 64 -0.89 9.59 10.20
CA THR B 64 -2.11 10.02 10.85
C THR B 64 -1.95 10.07 12.37
N SER B 65 -2.17 11.27 12.92
CA SER B 65 -2.05 11.52 14.36
C SER B 65 -3.30 12.26 14.83
N GLY B 66 -3.95 11.78 15.89
CA GLY B 66 -5.11 12.49 16.49
C GLY B 66 -6.18 12.96 15.51
N GLY B 67 -6.49 12.11 14.53
CA GLY B 67 -7.62 12.38 13.63
C GLY B 67 -7.27 13.31 12.49
N SER B 68 -5.96 13.55 12.30
CA SER B 68 -5.45 14.39 11.24
C SER B 68 -4.28 13.72 10.52
N THR B 69 -4.26 13.86 9.20
CA THR B 69 -3.23 13.18 8.39
C THR B 69 -2.28 14.21 7.83
N THR B 70 -0.97 14.01 8.00
CA THR B 70 0.07 14.89 7.43
C THR B 70 0.82 14.15 6.33
N GLU B 71 1.05 14.81 5.21
CA GLU B 71 1.82 14.24 4.12
C GLU B 71 3.28 14.62 4.26
N TRP B 72 4.16 13.61 4.12
CA TRP B 72 5.59 13.83 4.14
C TRP B 72 6.20 13.41 2.79
N CYS B 73 7.12 14.22 2.27
CA CYS B 73 7.57 14.11 0.87
C CYS B 73 9.05 13.92 0.84
N TRP B 74 9.50 12.92 0.10
CA TRP B 74 10.89 12.81 -0.27
C TRP B 74 11.02 13.04 -1.77
N ASP B 75 11.86 14.01 -2.13
CA ASP B 75 12.05 14.36 -3.51
C ASP B 75 13.54 14.57 -3.82
N GLY B 76 14.38 13.84 -3.11
CA GLY B 76 15.83 13.91 -3.31
C GLY B 76 16.37 15.15 -2.64
N ASP B 77 16.30 15.15 -1.32
CA ASP B 77 16.89 16.23 -0.53
C ASP B 77 16.13 16.43 0.80
N GLY B 78 15.99 15.34 1.55
CA GLY B 78 15.36 15.38 2.86
C GLY B 78 13.85 15.33 2.83
N TRP B 79 13.27 15.01 3.98
CA TRP B 79 11.83 14.89 4.12
C TRP B 79 11.18 16.24 4.34
N THR B 80 10.22 16.59 3.47
CA THR B 80 9.53 17.86 3.60
C THR B 80 8.06 17.62 3.83
N ARG B 81 7.43 18.57 4.51
CA ARG B 81 6.02 18.49 4.79
C ARG B 81 5.24 18.86 3.54
N GLY B 82 4.27 18.03 3.14
CA GLY B 82 3.49 18.29 1.91
C GLY B 82 2.18 19.03 2.11
N ALA B 83 1.52 19.42 1.01
CA ALA B 83 0.27 20.24 1.04
C ALA B 83 -1.00 19.46 1.42
N TYR B 84 -0.93 18.13 1.47
CA TYR B 84 -2.16 17.34 1.71
C TYR B 84 -3.00 17.88 2.88
N THR B 85 -4.30 17.98 2.68
CA THR B 85 -5.26 18.14 3.79
C THR B 85 -6.38 17.13 3.63
N GLY B 86 -7.05 16.82 4.72
CA GLY B 86 -8.20 15.89 4.74
C GLY B 86 -9.51 16.52 4.33
N LEU B 87 -10.61 15.81 4.63
CA LEU B 87 -11.97 16.23 4.27
C LEU B 87 -12.26 17.63 4.82
N MET C 1 -8.73 5.84 12.71
CA MET C 1 -8.51 6.54 11.41
C MET C 1 -7.29 5.97 10.68
N GLN C 2 -7.53 5.47 9.48
CA GLN C 2 -6.58 4.59 8.77
C GLN C 2 -6.59 4.92 7.27
N THR C 3 -5.41 4.96 6.63
CA THR C 3 -5.36 5.41 5.24
C THR C 3 -4.70 4.39 4.29
N ALA C 4 -4.95 4.60 3.01
CA ALA C 4 -4.28 3.85 1.96
C ALA C 4 -3.92 4.86 0.91
N ALA C 5 -2.78 4.66 0.27
CA ALA C 5 -2.37 5.64 -0.73
C ALA C 5 -1.92 4.94 -1.99
N ILE C 6 -2.30 5.52 -3.13
CA ILE C 6 -1.83 5.03 -4.44
C ILE C 6 -1.37 6.24 -5.28
N SER C 7 -0.62 5.97 -6.34
CA SER C 7 -0.23 7.06 -7.28
C SER C 7 0.00 6.46 -8.67
N TRP C 8 -0.12 7.30 -9.70
CA TRP C 8 0.17 6.89 -11.07
C TRP C 8 0.64 8.05 -11.94
N GLY C 9 1.29 7.66 -13.05
CA GLY C 9 1.66 8.60 -14.10
C GLY C 9 2.83 9.49 -13.75
N THR C 10 3.00 10.50 -14.60
CA THR C 10 4.16 11.38 -14.54
C THR C 10 3.92 12.64 -13.70
N THR C 11 2.66 13.03 -13.51
CA THR C 11 2.39 14.29 -12.80
C THR C 11 2.96 14.33 -11.36
N PRO C 12 2.66 13.33 -10.52
CA PRO C 12 1.76 12.20 -10.75
C PRO C 12 0.37 12.53 -10.17
N SER C 13 -0.55 11.59 -10.27
CA SER C 13 -1.83 11.64 -9.54
C SER C 13 -1.66 10.79 -8.32
N ILE C 14 -2.31 11.21 -7.23
CA ILE C 14 -2.26 10.44 -5.99
C ILE C 14 -3.71 10.35 -5.52
N ARG C 15 -4.08 9.25 -4.85
CA ARG C 15 -5.40 9.16 -4.20
C ARG C 15 -5.09 8.60 -2.85
N VAL C 16 -5.70 9.20 -1.80
CA VAL C 16 -5.52 8.76 -0.44
C VAL C 16 -6.94 8.44 0.02
N TYR C 17 -7.10 7.20 0.45
CA TYR C 17 -8.36 6.69 1.03
C TYR C 17 -8.28 6.70 2.55
N THR C 18 -9.31 7.23 3.20
CA THR C 18 -9.30 7.26 4.66
C THR C 18 -10.53 6.52 5.21
N ALA C 19 -10.27 5.53 6.05
CA ALA C 19 -11.35 4.82 6.79
C ALA C 19 -11.49 5.46 8.14
N ASN C 20 -12.69 5.96 8.44
CA ASN C 20 -13.00 6.54 9.76
C ASN C 20 -14.49 6.51 10.08
N GLY C 21 -14.88 6.00 11.24
CA GLY C 21 -16.32 5.98 11.60
C GLY C 21 -17.15 5.15 10.63
N ASN C 22 -16.59 4.00 10.26
CA ASN C 22 -17.14 3.06 9.29
C ASN C 22 -17.42 3.63 7.89
N LYS C 23 -16.86 4.80 7.56
CA LYS C 23 -16.99 5.33 6.19
C LYS C 23 -15.62 5.54 5.57
N ILE C 24 -15.50 5.22 4.30
CA ILE C 24 -14.24 5.47 3.56
C ILE C 24 -14.48 6.61 2.59
N THR C 25 -13.61 7.60 2.66
CA THR C 25 -13.63 8.74 1.76
C THR C 25 -12.26 8.85 1.06
N GLU C 26 -12.16 9.78 0.11
CA GLU C 26 -11.04 9.84 -0.86
C GLU C 26 -10.64 11.31 -1.11
N ARG C 27 -9.34 11.56 -1.00
CA ARG C 27 -8.77 12.86 -1.34
C ARG C 27 -7.81 12.65 -2.48
N CYS C 28 -7.83 13.58 -3.42
CA CYS C 28 -7.23 13.40 -4.74
C CYS C 28 -6.30 14.56 -5.09
N TYR C 29 -5.19 14.21 -5.69
CA TYR C 29 -4.27 15.19 -6.26
C TYR C 29 -3.97 14.83 -7.71
N ASP C 30 -4.13 15.77 -8.66
CA ASP C 30 -3.82 15.53 -10.05
C ASP C 30 -2.88 16.64 -10.58
N GLY C 31 -2.13 17.27 -9.69
CA GLY C 31 -1.11 18.24 -10.18
C GLY C 31 -1.41 19.67 -9.81
N SER C 32 -2.59 19.94 -9.26
CA SER C 32 -2.87 21.29 -8.71
C SER C 32 -3.14 21.29 -7.21
N ASN C 33 -4.40 21.28 -6.79
CA ASN C 33 -4.69 21.21 -5.35
CA ASN C 33 -4.78 21.24 -5.37
C ASN C 33 -5.23 19.85 -4.97
N TRP C 34 -5.48 19.65 -3.67
CA TRP C 34 -6.15 18.44 -3.21
C TRP C 34 -7.65 18.67 -3.23
N TYR C 35 -8.38 17.70 -3.76
CA TYR C 35 -9.84 17.74 -3.76
C TYR C 35 -10.46 16.42 -3.25
N THR C 36 -11.76 16.50 -2.97
CA THR C 36 -12.53 15.36 -2.48
C THR C 36 -13.06 14.58 -3.64
N GLY C 37 -12.66 13.30 -3.69
CA GLY C 37 -13.06 12.46 -4.79
C GLY C 37 -14.46 11.90 -4.68
N ALA C 38 -14.87 11.25 -5.75
CA ALA C 38 -16.19 10.64 -5.83
C ALA C 38 -16.35 9.46 -4.86
N PHE C 39 -15.26 8.81 -4.45
CA PHE C 39 -15.41 7.54 -3.68
C PHE C 39 -16.01 7.75 -2.30
N ASN C 40 -17.11 7.07 -2.01
CA ASN C 40 -17.75 7.13 -0.71
C ASN C 40 -18.47 5.81 -0.45
N GLN C 41 -17.92 5.01 0.45
CA GLN C 41 -18.45 3.65 0.70
C GLN C 41 -18.19 3.25 2.10
N ALA C 42 -18.84 2.17 2.57
CA ALA C 42 -18.74 1.82 3.96
C ALA C 42 -17.49 0.99 4.18
N GLY C 43 -16.94 1.08 5.38
CA GLY C 43 -15.83 0.22 5.77
C GLY C 43 -15.03 0.82 6.90
N ASP C 44 -14.41 -0.05 7.70
CA ASP C 44 -13.55 0.40 8.77
C ASP C 44 -12.09 0.21 8.43
N ASN C 45 -11.79 -0.48 7.35
CA ASN C 45 -10.40 -0.70 6.88
C ASN C 45 -10.36 -0.63 5.38
N VAL C 46 -9.24 -0.15 4.85
CA VAL C 46 -9.15 0.14 3.43
C VAL C 46 -7.75 -0.20 2.93
N SER C 47 -7.70 -0.83 1.76
CA SER C 47 -6.46 -0.94 1.00
C SER C 47 -6.75 -0.64 -0.46
N ALA C 48 -5.70 -0.38 -1.23
CA ALA C 48 -5.92 0.03 -2.58
C ALA C 48 -4.71 -0.27 -3.47
N THR C 49 -4.96 -0.43 -4.77
CA THR C 49 -3.90 -0.61 -5.78
C THR C 49 -4.42 -0.06 -7.08
N CYS C 50 -3.50 0.22 -8.01
CA CYS C 50 -3.92 0.75 -9.28
C CYS C 50 -2.96 0.38 -10.38
N TRP C 51 -3.40 0.55 -11.63
CA TRP C 51 -2.54 0.39 -12.82
C TRP C 51 -3.09 1.19 -14.00
N LEU C 52 -2.23 1.40 -14.99
CA LEU C 52 -2.57 2.21 -16.15
C LEU C 52 -2.62 1.24 -17.32
N SER C 53 -3.67 1.32 -18.13
CA SER C 53 -3.70 0.60 -19.39
C SER C 53 -3.50 1.65 -20.46
N GLY C 54 -2.25 1.84 -20.89
CA GLY C 54 -1.94 3.01 -21.69
C GLY C 54 -1.93 4.23 -20.77
N SER C 55 -2.95 5.05 -20.95
CA SER C 55 -3.10 6.31 -20.22
CA SER C 55 -3.09 6.30 -20.22
C SER C 55 -4.33 6.27 -19.31
N ALA C 56 -5.06 5.16 -19.39
CA ALA C 56 -6.34 4.98 -18.67
C ALA C 56 -6.13 4.34 -17.30
N VAL C 57 -6.61 4.96 -16.23
CA VAL C 57 -6.34 4.47 -14.90
C VAL C 57 -7.41 3.45 -14.45
N HIS C 58 -6.94 2.41 -13.79
CA HIS C 58 -7.83 1.47 -13.15
C HIS C 58 -7.42 1.42 -11.67
N ILE C 59 -8.38 1.54 -10.77
CA ILE C 59 -8.17 1.47 -9.35
C ILE C 59 -9.06 0.39 -8.75
N ARG C 60 -8.50 -0.31 -7.77
CA ARG C 60 -9.21 -1.31 -6.94
C ARG C 60 -9.02 -0.91 -5.49
N VAL C 61 -10.14 -0.66 -4.83
CA VAL C 61 -10.16 -0.35 -3.43
C VAL C 61 -10.80 -1.50 -2.63
N TYR C 62 -10.11 -2.05 -1.65
CA TYR C 62 -10.66 -3.19 -0.82
C TYR C 62 -11.16 -2.62 0.49
N ALA C 63 -12.50 -2.54 0.62
CA ALA C 63 -13.13 -1.96 1.81
C ALA C 63 -13.64 -3.08 2.73
N THR C 64 -13.18 -3.11 3.96
CA THR C 64 -13.56 -4.20 4.86
C THR C 64 -14.47 -3.70 5.95
N SER C 65 -15.66 -4.26 6.02
CA SER C 65 -16.61 -3.96 7.09
C SER C 65 -17.47 -5.18 7.33
N GLY C 66 -17.84 -5.37 8.59
CA GLY C 66 -18.66 -6.53 8.95
C GLY C 66 -17.93 -7.85 8.80
N GLY C 67 -16.59 -7.84 8.89
CA GLY C 67 -15.77 -9.05 8.71
C GLY C 67 -15.75 -9.55 7.26
N SER C 68 -15.92 -8.64 6.32
CA SER C 68 -16.11 -9.01 4.93
C SER C 68 -15.53 -7.93 4.01
N THR C 69 -14.83 -8.33 2.95
CA THR C 69 -14.19 -7.36 2.05
C THR C 69 -14.92 -7.20 0.73
N THR C 70 -15.26 -5.96 0.37
CA THR C 70 -15.87 -5.66 -0.91
C THR C 70 -14.85 -4.91 -1.77
N GLU C 71 -14.62 -5.42 -2.96
CA GLU C 71 -13.78 -4.77 -3.97
C GLU C 71 -14.57 -3.71 -4.77
N TRP C 72 -14.02 -2.50 -4.81
CA TRP C 72 -14.60 -1.41 -5.55
C TRP C 72 -13.64 -1.04 -6.67
N CYS C 73 -14.19 -0.88 -7.86
CA CYS C 73 -13.43 -0.67 -9.06
C CYS C 73 -13.69 0.71 -9.64
N TRP C 74 -12.62 1.42 -9.96
CA TRP C 74 -12.73 2.54 -10.91
C TRP C 74 -12.10 2.11 -12.24
N ASP C 75 -12.89 2.16 -13.33
CA ASP C 75 -12.38 1.85 -14.67
C ASP C 75 -12.77 2.90 -15.71
N GLY C 76 -12.97 4.14 -15.29
CA GLY C 76 -13.40 5.21 -16.21
C GLY C 76 -14.89 5.57 -16.12
N ASP C 77 -15.69 4.75 -15.44
CA ASP C 77 -17.17 4.89 -15.50
C ASP C 77 -17.75 4.78 -14.08
N GLY C 78 -17.27 5.65 -13.19
CA GLY C 78 -17.67 5.61 -11.77
C GLY C 78 -17.18 4.41 -10.97
N TRP C 79 -17.68 4.27 -9.73
CA TRP C 79 -17.22 3.22 -8.81
C TRP C 79 -18.20 2.01 -8.78
N THR C 80 -17.70 0.83 -9.15
CA THR C 80 -18.55 -0.38 -9.23
C THR C 80 -18.05 -1.49 -8.33
N ARG C 81 -18.93 -2.40 -7.93
CA ARG C 81 -18.50 -3.53 -7.10
C ARG C 81 -17.84 -4.56 -8.02
N GLY C 82 -16.73 -5.10 -7.58
CA GLY C 82 -15.99 -6.08 -8.38
C GLY C 82 -16.30 -7.50 -8.00
N ALA C 83 -15.70 -8.46 -8.72
CA ALA C 83 -15.94 -9.88 -8.47
C ALA C 83 -15.20 -10.50 -7.29
N TYR C 84 -14.29 -9.76 -6.64
CA TYR C 84 -13.51 -10.29 -5.49
C TYR C 84 -14.36 -10.99 -4.42
N THR C 85 -13.93 -12.18 -4.00
CA THR C 85 -14.46 -12.80 -2.79
C THR C 85 -13.32 -13.24 -1.93
N GLY C 86 -13.55 -13.25 -0.62
CA GLY C 86 -12.54 -13.69 0.34
C GLY C 86 -12.58 -15.18 0.60
N LEU C 87 -12.02 -15.61 1.72
CA LEU C 87 -11.99 -17.05 2.08
C LEU C 87 -13.33 -17.51 2.66
#